data_4W4S
#
_entry.id   4W4S
#
_cell.length_a   65.776
_cell.length_b   65.776
_cell.length_c   135.693
_cell.angle_alpha   90.00
_cell.angle_beta   90.00
_cell.angle_gamma   90.00
#
_symmetry.space_group_name_H-M   'P 41'
#
loop_
_entity.id
_entity.type
_entity.pdbx_description
1 polymer 'Uncharacterized protein blr2150'
2 non-polymer '[2-(3-DIBENZOFURAN-4-YL-PHENYL)-1-HYDROXY-1-PHOSPHONO-ETHYL]-PHOSPHONIC ACID'
3 water water
#
_entity_poly.entity_id   1
_entity_poly.type   'polypeptide(L)'
_entity_poly.pdbx_seq_one_letter_code
;MIQTERAVQQVLEWGRSLTGFADEHAVEAVRGGQYILQRIHPSLRGTSARTGRDPQDETLIVTFYRELALLFWLDDCNDL
GLISPEQLAAVEQALGQGVPCALPGFEGCAVLRASLATLAYDRRDYAQLLDDTRCYSAALRAGHAQAVAAERWSYAEYLH
NGIDSIAYANVFCCLSLLWGLDMATLRARPAFRQVLRLISAIGRLQNDLHGCDKDRSAGEADNAVILLLQRYPAMPVVEF
LNDELAGHTRMLHRVMAEERFPAPWGPLIEAMAAIRVQYYRTSTSRYRSDAVRGGQRAPA
;
_entity_poly.pdbx_strand_id   A,B
#
loop_
_chem_comp.id
_chem_comp.type
_chem_comp.name
_chem_comp.formula
B29 non-polymer '[2-(3-DIBENZOFURAN-4-YL-PHENYL)-1-HYDROXY-1-PHOSPHONO-ETHYL]-PHOSPHONIC ACID' 'C20 H18 O8 P2'
#
# COMPACT_ATOMS: atom_id res chain seq x y z
N MET A 1 -3.19 -37.27 7.96
CA MET A 1 -3.71 -35.88 8.11
C MET A 1 -5.19 -35.85 7.72
N ILE A 2 -5.94 -36.82 8.22
CA ILE A 2 -7.36 -36.99 7.92
C ILE A 2 -7.48 -37.22 6.42
N GLN A 3 -8.21 -38.27 6.07
CA GLN A 3 -8.45 -38.70 4.70
C GLN A 3 -9.26 -37.65 3.95
N THR A 4 -9.01 -37.49 2.65
CA THR A 4 -9.72 -36.50 1.87
C THR A 4 -11.24 -36.57 1.95
N GLU A 5 -11.82 -37.73 1.64
CA GLU A 5 -13.27 -37.82 1.64
C GLU A 5 -13.87 -37.63 3.02
N ARG A 6 -13.20 -38.07 4.07
CA ARG A 6 -13.72 -37.86 5.41
C ARG A 6 -13.74 -36.35 5.71
N ALA A 7 -12.69 -35.64 5.28
CA ALA A 7 -12.64 -34.19 5.47
C ALA A 7 -13.82 -33.57 4.71
N VAL A 8 -14.02 -33.99 3.45
CA VAL A 8 -15.13 -33.48 2.66
C VAL A 8 -16.47 -33.65 3.39
N GLN A 9 -16.70 -34.83 3.97
CA GLN A 9 -17.96 -35.12 4.67
C GLN A 9 -18.07 -34.24 5.92
N GLN A 10 -16.94 -34.04 6.58
CA GLN A 10 -16.86 -33.19 7.77
C GLN A 10 -17.32 -31.78 7.39
N VAL A 11 -16.72 -31.25 6.34
CA VAL A 11 -17.05 -29.92 5.87
C VAL A 11 -18.52 -29.85 5.46
N LEU A 12 -18.95 -30.83 4.66
CA LEU A 12 -20.32 -30.89 4.16
C LEU A 12 -21.34 -30.98 5.28
N GLU A 13 -21.00 -31.72 6.32
CA GLU A 13 -21.88 -31.87 7.48
C GLU A 13 -22.23 -30.49 8.07
N TRP A 14 -21.24 -29.62 8.13
CA TRP A 14 -21.43 -28.27 8.65
C TRP A 14 -22.08 -27.39 7.58
N GLY A 15 -21.61 -27.53 6.35
CA GLY A 15 -22.13 -26.70 5.27
C GLY A 15 -23.62 -26.81 5.08
N ARG A 16 -24.17 -27.95 5.48
CA ARG A 16 -25.59 -28.18 5.35
C ARG A 16 -26.40 -27.24 6.21
N SER A 17 -25.75 -26.55 7.15
CA SER A 17 -26.48 -25.59 7.97
C SER A 17 -26.40 -24.19 7.37
N LEU A 18 -26.04 -24.11 6.08
CA LEU A 18 -25.97 -22.81 5.37
C LEU A 18 -26.80 -22.93 4.12
N THR A 19 -27.84 -22.11 4.02
CA THR A 19 -28.70 -22.13 2.84
C THR A 19 -27.84 -21.81 1.63
N GLY A 20 -28.04 -22.57 0.55
CA GLY A 20 -27.29 -22.33 -0.66
C GLY A 20 -25.96 -23.07 -0.75
N PHE A 21 -25.52 -23.67 0.35
CA PHE A 21 -24.26 -24.40 0.34
C PHE A 21 -24.37 -25.56 -0.64
N ALA A 22 -23.33 -25.78 -1.43
CA ALA A 22 -23.33 -26.90 -2.39
C ALA A 22 -22.16 -27.85 -2.12
N ASP A 23 -22.30 -29.10 -2.57
CA ASP A 23 -21.27 -30.13 -2.40
C ASP A 23 -19.94 -29.68 -2.93
N GLU A 24 -19.97 -28.96 -4.05
CA GLU A 24 -18.78 -28.44 -4.70
C GLU A 24 -18.00 -27.51 -3.76
N HIS A 25 -18.69 -26.77 -2.89
CA HIS A 25 -18.00 -25.86 -1.98
C HIS A 25 -17.08 -26.61 -1.02
N ALA A 26 -17.57 -27.72 -0.49
CA ALA A 26 -16.83 -28.56 0.44
C ALA A 26 -15.65 -29.20 -0.30
N VAL A 27 -15.92 -29.75 -1.50
CA VAL A 27 -14.88 -30.37 -2.32
C VAL A 27 -13.72 -29.42 -2.63
N GLU A 28 -14.03 -28.26 -3.20
CA GLU A 28 -13.03 -27.25 -3.53
C GLU A 28 -12.24 -26.80 -2.31
N ALA A 29 -12.96 -26.64 -1.21
CA ALA A 29 -12.35 -26.19 0.02
C ALA A 29 -11.33 -27.24 0.45
N VAL A 30 -11.71 -28.51 0.45
CA VAL A 30 -10.76 -29.50 0.85
C VAL A 30 -9.57 -29.54 -0.12
N ARG A 31 -9.83 -29.40 -1.42
CA ARG A 31 -8.74 -29.44 -2.42
C ARG A 31 -7.70 -28.34 -2.23
N GLY A 32 -8.18 -27.11 -2.18
CA GLY A 32 -7.29 -25.99 -1.98
C GLY A 32 -6.62 -26.10 -0.61
N GLY A 33 -7.41 -26.45 0.40
CA GLY A 33 -6.88 -26.60 1.74
C GLY A 33 -5.78 -27.64 1.83
N GLN A 34 -5.99 -28.81 1.21
CA GLN A 34 -4.96 -29.84 1.27
C GLN A 34 -3.68 -29.34 0.60
N TYR A 35 -3.81 -28.69 -0.54
CA TYR A 35 -2.66 -28.18 -1.27
C TYR A 35 -1.82 -27.27 -0.36
N ILE A 36 -2.47 -26.37 0.37
CA ILE A 36 -1.75 -25.47 1.25
C ILE A 36 -1.15 -26.23 2.43
N LEU A 37 -1.94 -27.05 3.11
CA LEU A 37 -1.37 -27.73 4.25
C LEU A 37 -0.19 -28.64 3.91
N GLN A 38 -0.25 -29.31 2.76
CA GLN A 38 0.81 -30.20 2.32
C GLN A 38 2.11 -29.42 2.14
N ARG A 39 2.02 -28.24 1.55
CA ARG A 39 3.22 -27.47 1.33
C ARG A 39 3.83 -26.77 2.55
N ILE A 40 3.08 -26.58 3.64
CA ILE A 40 3.66 -25.97 4.82
C ILE A 40 3.81 -27.01 5.92
N HIS A 41 3.60 -28.29 5.60
CA HIS A 41 3.68 -29.33 6.62
C HIS A 41 5.07 -29.49 7.26
N PRO A 42 6.14 -29.42 6.45
CA PRO A 42 7.47 -29.56 7.05
C PRO A 42 7.69 -28.45 8.09
N SER A 43 7.29 -27.22 7.77
CA SER A 43 7.46 -26.14 8.72
C SER A 43 6.62 -26.34 9.98
N LEU A 44 5.33 -26.58 9.82
CA LEU A 44 4.45 -26.79 10.96
C LEU A 44 4.97 -27.86 11.91
N ARG A 45 5.68 -28.85 11.38
CA ARG A 45 6.24 -29.89 12.23
C ARG A 45 7.24 -29.18 13.16
N GLY A 46 7.98 -28.24 12.60
CA GLY A 46 8.99 -27.53 13.36
C GLY A 46 8.50 -26.60 14.46
N THR A 47 7.34 -25.98 14.26
CA THR A 47 6.80 -25.05 15.24
C THR A 47 5.86 -25.73 16.22
N SER A 48 5.47 -26.95 15.94
CA SER A 48 4.53 -27.65 16.80
C SER A 48 4.94 -27.90 18.26
N ALA A 49 6.24 -28.01 18.53
CA ALA A 49 6.67 -28.26 19.92
C ALA A 49 6.40 -27.01 20.75
N ARG A 50 6.75 -25.88 20.16
CA ARG A 50 6.54 -24.59 20.79
C ARG A 50 5.06 -24.24 21.02
N THR A 51 4.25 -24.39 19.98
CA THR A 51 2.83 -24.06 20.04
C THR A 51 1.85 -25.08 20.60
N GLY A 52 2.17 -26.37 20.52
CA GLY A 52 1.23 -27.37 20.99
C GLY A 52 0.15 -27.63 19.93
N ARG A 53 0.27 -27.00 18.77
CA ARG A 53 -0.70 -27.20 17.69
C ARG A 53 -0.14 -28.25 16.70
N ASP A 54 -0.80 -29.39 16.62
CA ASP A 54 -0.35 -30.47 15.75
C ASP A 54 -0.75 -30.27 14.28
N PRO A 55 0.21 -30.35 13.36
CA PRO A 55 -0.05 -30.20 11.92
C PRO A 55 -1.14 -31.16 11.47
N GLN A 56 -1.29 -32.26 12.19
CA GLN A 56 -2.28 -33.26 11.81
C GLN A 56 -3.52 -33.25 12.67
N ASP A 57 -3.67 -32.24 13.53
CA ASP A 57 -4.84 -32.17 14.38
C ASP A 57 -6.09 -32.04 13.51
N GLU A 58 -6.92 -33.08 13.53
CA GLU A 58 -8.13 -33.09 12.71
C GLU A 58 -9.08 -31.93 13.01
N THR A 59 -9.12 -31.52 14.27
CA THR A 59 -10.00 -30.42 14.66
C THR A 59 -9.51 -29.14 14.00
N LEU A 60 -8.20 -28.93 13.97
CA LEU A 60 -7.66 -27.75 13.33
C LEU A 60 -7.86 -27.83 11.83
N ILE A 61 -7.53 -28.98 11.24
CA ILE A 61 -7.66 -29.13 9.81
C ILE A 61 -9.08 -28.90 9.29
N VAL A 62 -10.07 -29.57 9.85
CA VAL A 62 -11.43 -29.38 9.35
C VAL A 62 -11.92 -27.96 9.54
N THR A 63 -11.48 -27.31 10.62
CA THR A 63 -11.90 -25.93 10.87
C THR A 63 -11.33 -25.07 9.76
N PHE A 64 -10.06 -25.30 9.42
CA PHE A 64 -9.46 -24.52 8.34
C PHE A 64 -10.24 -24.78 7.04
N TYR A 65 -10.57 -26.03 6.75
CA TYR A 65 -11.31 -26.30 5.51
C TYR A 65 -12.72 -25.69 5.53
N ARG A 66 -13.34 -25.64 6.70
CA ARG A 66 -14.66 -25.05 6.80
C ARG A 66 -14.59 -23.58 6.46
N GLU A 67 -13.54 -22.89 6.91
CA GLU A 67 -13.44 -21.46 6.59
C GLU A 67 -13.25 -21.27 5.10
N LEU A 68 -12.43 -22.10 4.47
CA LEU A 68 -12.25 -21.96 3.03
C LEU A 68 -13.60 -22.20 2.34
N ALA A 69 -14.33 -23.22 2.80
CA ALA A 69 -15.64 -23.54 2.23
C ALA A 69 -16.60 -22.38 2.41
N LEU A 70 -16.50 -21.70 3.53
CA LEU A 70 -17.36 -20.55 3.78
C LEU A 70 -17.04 -19.48 2.73
N LEU A 71 -15.77 -19.30 2.43
CA LEU A 71 -15.38 -18.26 1.48
C LEU A 71 -15.83 -18.57 0.05
N PHE A 72 -15.75 -19.83 -0.34
CA PHE A 72 -16.22 -20.24 -1.67
C PHE A 72 -17.73 -20.02 -1.76
N TRP A 73 -18.43 -20.46 -0.72
CA TRP A 73 -19.89 -20.30 -0.66
C TRP A 73 -20.31 -18.84 -0.77
N LEU A 74 -19.69 -17.97 0.03
CA LEU A 74 -20.02 -16.55 -0.01
C LEU A 74 -19.81 -15.92 -1.39
N ASP A 75 -18.73 -16.32 -2.05
CA ASP A 75 -18.42 -15.81 -3.38
C ASP A 75 -19.60 -16.18 -4.27
N ASP A 76 -20.03 -17.44 -4.22
CA ASP A 76 -21.18 -17.88 -5.02
C ASP A 76 -22.50 -17.19 -4.63
N CYS A 77 -22.73 -16.95 -3.35
CA CYS A 77 -23.95 -16.27 -2.93
C CYS A 77 -23.99 -14.91 -3.62
N ASN A 78 -22.83 -14.28 -3.64
CA ASN A 78 -22.68 -12.97 -4.23
C ASN A 78 -22.84 -13.03 -5.74
N ASP A 79 -22.02 -13.85 -6.39
CA ASP A 79 -22.04 -13.98 -7.84
C ASP A 79 -23.27 -14.57 -8.48
N LEU A 80 -23.82 -15.62 -7.88
CA LEU A 80 -24.99 -16.29 -8.45
C LEU A 80 -26.31 -16.00 -7.73
N GLY A 81 -26.28 -15.12 -6.73
CA GLY A 81 -27.50 -14.82 -6.01
C GLY A 81 -28.18 -16.01 -5.37
N LEU A 82 -27.41 -16.92 -4.79
CA LEU A 82 -27.95 -18.12 -4.14
C LEU A 82 -28.87 -17.81 -2.96
N ILE A 83 -28.76 -16.61 -2.39
CA ILE A 83 -29.60 -16.17 -1.27
C ILE A 83 -29.95 -14.72 -1.57
N SER A 84 -30.96 -14.19 -0.88
CA SER A 84 -31.41 -12.83 -1.11
C SER A 84 -30.44 -11.79 -0.55
N PRO A 85 -30.55 -10.54 -1.04
CA PRO A 85 -29.71 -9.42 -0.60
C PRO A 85 -29.82 -9.32 0.90
N GLU A 86 -31.06 -9.38 1.40
CA GLU A 86 -31.31 -9.32 2.84
C GLU A 86 -30.56 -10.40 3.62
N GLN A 87 -30.61 -11.62 3.11
CA GLN A 87 -29.95 -12.74 3.76
C GLN A 87 -28.41 -12.61 3.72
N LEU A 88 -27.88 -12.12 2.59
CA LEU A 88 -26.45 -11.95 2.45
C LEU A 88 -25.96 -10.89 3.46
N ALA A 89 -26.69 -9.79 3.59
CA ALA A 89 -26.32 -8.75 4.54
C ALA A 89 -26.27 -9.30 5.96
N ALA A 90 -27.29 -10.07 6.34
CA ALA A 90 -27.38 -10.68 7.67
C ALA A 90 -26.21 -11.67 7.87
N VAL A 91 -25.89 -12.44 6.84
CA VAL A 91 -24.78 -13.37 6.92
C VAL A 91 -23.46 -12.58 7.05
N GLU A 92 -23.29 -11.56 6.23
CA GLU A 92 -22.06 -10.79 6.29
C GLU A 92 -21.89 -10.08 7.65
N GLN A 93 -22.99 -9.68 8.29
CA GLN A 93 -22.89 -9.04 9.59
C GLN A 93 -22.47 -10.07 10.65
N ALA A 94 -23.04 -11.26 10.57
CA ALA A 94 -22.72 -12.34 11.52
C ALA A 94 -21.25 -12.74 11.39
N LEU A 95 -20.83 -13.00 10.17
CA LEU A 95 -19.46 -13.42 9.97
C LEU A 95 -18.44 -12.30 10.20
N GLY A 96 -18.86 -11.07 9.95
CA GLY A 96 -17.99 -9.91 10.11
C GLY A 96 -17.88 -9.41 11.52
N GLN A 97 -18.90 -9.67 12.34
CA GLN A 97 -18.91 -9.22 13.75
C GLN A 97 -18.69 -10.36 14.71
N GLY A 98 -18.84 -11.58 14.22
CA GLY A 98 -18.65 -12.74 15.06
C GLY A 98 -19.85 -13.05 15.93
N VAL A 99 -21.05 -12.69 15.47
CA VAL A 99 -22.28 -12.93 16.24
C VAL A 99 -23.21 -13.86 15.47
N PRO A 100 -24.25 -14.37 16.15
CA PRO A 100 -25.17 -15.27 15.44
C PRO A 100 -25.87 -14.50 14.32
N CYS A 101 -26.27 -15.19 13.26
CA CYS A 101 -27.00 -14.55 12.16
C CYS A 101 -28.41 -14.24 12.66
N ALA A 102 -28.91 -13.05 12.38
CA ALA A 102 -30.25 -12.66 12.82
C ALA A 102 -31.38 -13.21 11.97
N LEU A 103 -31.05 -13.82 10.83
CA LEU A 103 -32.08 -14.40 9.97
C LEU A 103 -31.83 -15.90 9.96
N PRO A 104 -32.91 -16.71 9.98
CA PRO A 104 -32.78 -18.17 9.98
C PRO A 104 -32.18 -18.77 8.72
N GLY A 105 -31.76 -20.01 8.81
CA GLY A 105 -31.18 -20.70 7.68
C GLY A 105 -29.67 -20.59 7.55
N PHE A 106 -29.01 -19.93 8.49
CA PHE A 106 -27.56 -19.77 8.39
C PHE A 106 -26.81 -20.08 9.68
N GLU A 107 -27.33 -21.04 10.41
CA GLU A 107 -26.74 -21.44 11.69
C GLU A 107 -25.25 -21.72 11.59
N GLY A 108 -24.81 -22.29 10.46
CA GLY A 108 -23.40 -22.59 10.32
C GLY A 108 -22.50 -21.40 10.58
N CYS A 109 -22.99 -20.19 10.33
CA CYS A 109 -22.18 -19.00 10.54
C CYS A 109 -21.71 -18.87 11.99
N ALA A 110 -22.65 -18.82 12.91
CA ALA A 110 -22.33 -18.69 14.32
C ALA A 110 -21.54 -19.91 14.83
N VAL A 111 -21.80 -21.08 14.30
CA VAL A 111 -21.08 -22.26 14.77
C VAL A 111 -19.59 -22.22 14.42
N LEU A 112 -19.29 -21.89 13.16
CA LEU A 112 -17.92 -21.82 12.69
C LEU A 112 -17.17 -20.69 13.40
N ARG A 113 -17.78 -19.51 13.51
CA ARG A 113 -17.10 -18.39 14.17
C ARG A 113 -16.81 -18.69 15.66
N ALA A 114 -17.71 -19.42 16.32
CA ALA A 114 -17.51 -19.75 17.74
C ALA A 114 -16.35 -20.72 17.91
N SER A 115 -16.25 -21.71 17.03
CA SER A 115 -15.12 -22.64 17.13
C SER A 115 -13.83 -21.89 16.88
N LEU A 116 -13.79 -21.04 15.87
CA LEU A 116 -12.57 -20.28 15.56
C LEU A 116 -12.12 -19.43 16.78
N ALA A 117 -13.06 -18.76 17.41
CA ALA A 117 -12.75 -17.93 18.58
C ALA A 117 -12.13 -18.84 19.65
N THR A 118 -12.78 -19.95 19.93
CA THR A 118 -12.33 -20.92 20.92
C THR A 118 -10.98 -21.55 20.59
N LEU A 119 -10.76 -21.87 19.31
CA LEU A 119 -9.52 -22.51 18.91
C LEU A 119 -8.34 -21.56 18.74
N ALA A 120 -8.59 -20.25 18.66
CA ALA A 120 -7.52 -19.29 18.45
C ALA A 120 -6.39 -19.45 19.42
N TYR A 121 -5.19 -19.52 18.85
CA TYR A 121 -3.95 -19.64 19.62
C TYR A 121 -3.70 -18.23 20.17
N ASP A 122 -3.69 -17.23 19.28
CA ASP A 122 -3.53 -15.82 19.64
C ASP A 122 -4.85 -15.21 19.19
N ARG A 123 -5.69 -14.85 20.15
CA ARG A 123 -7.01 -14.33 19.82
C ARG A 123 -7.01 -13.09 18.98
N ARG A 124 -5.89 -12.36 18.92
CA ARG A 124 -5.84 -11.20 18.04
C ARG A 124 -6.10 -11.67 16.59
N ASP A 125 -5.66 -12.90 16.28
CA ASP A 125 -5.88 -13.43 14.93
C ASP A 125 -7.38 -13.61 14.65
N TYR A 126 -8.15 -13.89 15.69
CA TYR A 126 -9.59 -14.04 15.51
C TYR A 126 -10.20 -12.69 15.14
N ALA A 127 -9.81 -11.62 15.86
CA ALA A 127 -10.34 -10.30 15.55
C ALA A 127 -9.92 -9.89 14.15
N GLN A 128 -8.70 -10.23 13.78
CA GLN A 128 -8.20 -9.90 12.44
C GLN A 128 -9.03 -10.66 11.41
N LEU A 129 -9.36 -11.92 11.70
CA LEU A 129 -10.17 -12.71 10.75
C LEU A 129 -11.56 -12.08 10.51
N LEU A 130 -12.17 -11.53 11.56
CA LEU A 130 -13.48 -10.87 11.42
C LEU A 130 -13.34 -9.65 10.51
N ASP A 131 -12.24 -8.93 10.66
CA ASP A 131 -11.90 -7.74 9.86
C ASP A 131 -11.70 -8.13 8.41
N ASP A 132 -10.90 -9.17 8.15
CA ASP A 132 -10.67 -9.64 6.78
C ASP A 132 -11.97 -10.11 6.13
N THR A 133 -12.84 -10.69 6.95
CA THR A 133 -14.13 -11.18 6.47
C THR A 133 -14.97 -10.00 5.99
N ARG A 134 -14.95 -8.90 6.75
CA ARG A 134 -15.68 -7.68 6.39
C ARG A 134 -15.09 -7.09 5.12
N CYS A 135 -13.76 -7.09 5.00
CA CYS A 135 -13.14 -6.57 3.79
C CYS A 135 -13.50 -7.44 2.59
N TYR A 136 -13.41 -8.75 2.77
CA TYR A 136 -13.74 -9.68 1.70
C TYR A 136 -15.18 -9.45 1.26
N SER A 137 -16.12 -9.49 2.20
CA SER A 137 -17.54 -9.28 1.94
C SER A 137 -17.79 -8.01 1.11
N ALA A 138 -17.29 -6.87 1.58
CA ALA A 138 -17.47 -5.61 0.88
C ALA A 138 -16.91 -5.66 -0.54
N ALA A 139 -15.76 -6.31 -0.70
CA ALA A 139 -15.14 -6.40 -2.01
C ALA A 139 -15.94 -7.25 -2.98
N LEU A 140 -16.56 -8.31 -2.49
CA LEU A 140 -17.37 -9.19 -3.33
C LEU A 140 -18.55 -8.42 -3.89
N ARG A 141 -19.21 -7.64 -3.06
CA ARG A 141 -20.35 -6.87 -3.52
C ARG A 141 -19.93 -5.68 -4.41
N ALA A 142 -18.94 -4.91 -3.99
CA ALA A 142 -18.47 -3.78 -4.80
C ALA A 142 -18.03 -4.31 -6.17
N GLY A 143 -17.35 -5.46 -6.16
CA GLY A 143 -16.92 -6.04 -7.39
C GLY A 143 -18.14 -6.44 -8.19
N HIS A 144 -19.20 -6.83 -7.50
CA HIS A 144 -20.42 -7.24 -8.18
C HIS A 144 -21.11 -6.09 -8.88
N ALA A 145 -21.18 -4.95 -8.23
CA ALA A 145 -21.82 -3.79 -8.81
C ALA A 145 -21.14 -3.37 -10.13
N GLN A 146 -19.84 -3.62 -10.23
CA GLN A 146 -19.05 -3.25 -11.40
C GLN A 146 -19.44 -3.80 -12.74
N ALA A 147 -19.81 -5.08 -12.81
CA ALA A 147 -20.23 -5.62 -14.09
C ALA A 147 -21.68 -5.20 -14.29
N VAL A 148 -22.03 -4.05 -13.73
CA VAL A 148 -23.39 -3.51 -13.79
C VAL A 148 -23.37 -2.00 -13.49
N ALA A 149 -22.21 -1.39 -13.70
CA ALA A 149 -22.03 0.03 -13.42
C ALA A 149 -22.18 0.97 -14.62
N ALA A 150 -21.89 0.48 -15.82
CA ALA A 150 -21.97 1.30 -17.03
C ALA A 150 -20.86 2.34 -16.87
N GLU A 151 -20.48 2.52 -15.62
CA GLU A 151 -19.47 3.45 -15.18
C GLU A 151 -18.42 2.62 -14.43
N ARG A 152 -17.71 1.75 -15.16
CA ARG A 152 -16.69 0.92 -14.54
C ARG A 152 -15.68 1.84 -13.86
N TRP A 153 -14.90 1.30 -12.93
CA TRP A 153 -13.93 2.12 -12.24
C TRP A 153 -12.53 1.91 -12.80
N SER A 154 -11.57 2.62 -12.23
CA SER A 154 -10.18 2.56 -12.66
C SER A 154 -9.52 1.24 -12.34
N TYR A 155 -8.46 0.93 -13.07
CA TYR A 155 -7.70 -0.28 -12.84
C TYR A 155 -7.18 -0.22 -11.40
N ALA A 156 -6.78 0.96 -10.95
CA ALA A 156 -6.29 1.16 -9.58
C ALA A 156 -7.32 0.61 -8.60
N GLU A 157 -8.55 1.08 -8.74
CA GLU A 157 -9.66 0.64 -7.89
C GLU A 157 -9.97 -0.84 -8.02
N TYR A 158 -9.89 -1.36 -9.25
CA TYR A 158 -10.16 -2.75 -9.47
C TYR A 158 -9.18 -3.63 -8.72
N LEU A 159 -7.89 -3.37 -8.89
CA LEU A 159 -6.87 -4.16 -8.25
C LEU A 159 -6.96 -4.01 -6.74
N HIS A 160 -7.19 -2.80 -6.25
CA HIS A 160 -7.32 -2.62 -4.83
C HIS A 160 -8.47 -3.51 -4.33
N ASN A 161 -9.57 -3.53 -5.05
CA ASN A 161 -10.71 -4.35 -4.62
C ASN A 161 -10.44 -5.83 -4.78
N GLY A 162 -9.73 -6.19 -5.85
CA GLY A 162 -9.42 -7.57 -6.12
C GLY A 162 -8.46 -8.16 -5.11
N ILE A 163 -7.64 -7.32 -4.49
CA ILE A 163 -6.69 -7.77 -3.48
C ILE A 163 -7.52 -8.29 -2.28
N ASP A 164 -8.58 -7.59 -1.95
CA ASP A 164 -9.44 -8.01 -0.85
C ASP A 164 -10.30 -9.21 -1.22
N SER A 165 -10.86 -9.19 -2.43
CA SER A 165 -11.73 -10.28 -2.88
C SER A 165 -11.04 -11.63 -3.11
N ILE A 166 -9.72 -11.63 -3.30
CA ILE A 166 -9.03 -12.91 -3.53
C ILE A 166 -8.93 -13.71 -2.24
N ALA A 167 -9.13 -13.04 -1.12
CA ALA A 167 -9.13 -13.66 0.23
C ALA A 167 -7.86 -14.30 0.78
N TYR A 168 -6.68 -14.00 0.25
CA TYR A 168 -5.51 -14.64 0.79
C TYR A 168 -5.24 -14.18 2.21
N ALA A 169 -5.58 -12.94 2.51
CA ALA A 169 -5.35 -12.47 3.87
C ALA A 169 -6.17 -13.36 4.87
N ASN A 170 -7.40 -13.71 4.47
CA ASN A 170 -8.27 -14.55 5.28
C ASN A 170 -7.62 -15.91 5.46
N VAL A 171 -7.17 -16.50 4.36
CA VAL A 171 -6.48 -17.78 4.44
C VAL A 171 -5.28 -17.73 5.40
N PHE A 172 -4.39 -16.76 5.22
CA PHE A 172 -3.21 -16.64 6.08
C PHE A 172 -3.65 -16.44 7.54
N CYS A 173 -4.56 -15.51 7.77
CA CYS A 173 -5.03 -15.26 9.13
C CYS A 173 -5.66 -16.51 9.78
N CYS A 174 -6.42 -17.29 9.02
CA CYS A 174 -7.04 -18.49 9.56
C CYS A 174 -5.97 -19.50 9.92
N LEU A 175 -4.92 -19.60 9.11
CA LEU A 175 -3.84 -20.52 9.41
C LEU A 175 -3.11 -20.07 10.68
N SER A 176 -2.87 -18.78 10.79
CA SER A 176 -2.18 -18.27 11.96
C SER A 176 -2.99 -18.54 13.22
N LEU A 177 -4.29 -18.35 13.13
CA LEU A 177 -5.18 -18.57 14.25
C LEU A 177 -5.13 -19.99 14.80
N LEU A 178 -5.19 -20.95 13.89
CA LEU A 178 -5.24 -22.36 14.21
C LEU A 178 -3.90 -23.00 14.60
N TRP A 179 -2.84 -22.61 13.91
CA TRP A 179 -1.54 -23.19 14.20
C TRP A 179 -0.54 -22.28 14.96
N GLY A 180 -1.00 -21.12 15.40
CA GLY A 180 -0.16 -20.19 16.15
C GLY A 180 1.03 -19.61 15.42
N LEU A 181 0.80 -19.08 14.22
CA LEU A 181 1.89 -18.55 13.41
C LEU A 181 2.28 -17.11 13.64
N ASP A 182 1.78 -16.53 14.72
CA ASP A 182 2.13 -15.18 15.10
C ASP A 182 1.99 -14.10 14.03
N MET A 183 0.95 -14.19 13.19
CA MET A 183 0.72 -13.20 12.16
C MET A 183 0.42 -11.81 12.69
N ALA A 184 -0.22 -11.73 13.85
CA ALA A 184 -0.57 -10.43 14.43
C ALA A 184 0.69 -9.61 14.73
N THR A 185 1.76 -10.29 15.10
CA THR A 185 3.00 -9.60 15.40
C THR A 185 3.76 -9.28 14.12
N LEU A 186 3.79 -10.23 13.19
CA LEU A 186 4.48 -10.01 11.93
C LEU A 186 3.90 -8.84 11.16
N ARG A 187 2.60 -8.60 11.31
CA ARG A 187 1.96 -7.47 10.65
C ARG A 187 2.52 -6.15 11.15
N ALA A 188 3.25 -6.15 12.26
CA ALA A 188 3.80 -4.89 12.75
C ALA A 188 4.83 -4.38 11.72
N ARG A 189 5.41 -5.31 10.97
CA ARG A 189 6.38 -4.98 9.95
C ARG A 189 5.71 -4.37 8.72
N PRO A 190 6.40 -3.46 8.03
CA PRO A 190 5.86 -2.81 6.84
C PRO A 190 6.04 -3.76 5.65
N ALA A 191 7.16 -4.46 5.66
CA ALA A 191 7.50 -5.39 4.60
C ALA A 191 6.63 -6.65 4.55
N PHE A 192 6.02 -7.01 5.68
CA PHE A 192 5.14 -8.19 5.72
C PHE A 192 3.80 -7.79 5.10
N ARG A 193 3.26 -6.65 5.53
CA ARG A 193 2.01 -6.17 4.98
C ARG A 193 2.19 -6.01 3.48
N GLN A 194 3.38 -5.58 3.07
CA GLN A 194 3.63 -5.42 1.65
C GLN A 194 3.59 -6.74 0.91
N VAL A 195 4.23 -7.78 1.44
CA VAL A 195 4.18 -9.05 0.70
C VAL A 195 2.75 -9.57 0.70
N LEU A 196 1.98 -9.19 1.72
CA LEU A 196 0.59 -9.63 1.77
C LEU A 196 -0.18 -9.00 0.61
N ARG A 197 0.02 -7.71 0.38
CA ARG A 197 -0.65 -7.04 -0.73
C ARG A 197 -0.19 -7.61 -2.07
N LEU A 198 1.11 -7.86 -2.16
CA LEU A 198 1.73 -8.39 -3.36
C LEU A 198 1.22 -9.78 -3.77
N ILE A 199 1.32 -10.75 -2.86
CA ILE A 199 0.87 -12.10 -3.16
C ILE A 199 -0.66 -12.11 -3.48
N SER A 200 -1.42 -11.24 -2.83
CA SER A 200 -2.86 -11.15 -3.11
C SER A 200 -3.06 -10.56 -4.50
N ALA A 201 -2.29 -9.54 -4.84
CA ALA A 201 -2.39 -8.92 -6.16
C ALA A 201 -2.04 -9.99 -7.19
N ILE A 202 -1.02 -10.78 -6.89
CA ILE A 202 -0.61 -11.84 -7.81
C ILE A 202 -1.77 -12.84 -8.02
N GLY A 203 -2.46 -13.19 -6.94
CA GLY A 203 -3.59 -14.12 -7.03
C GLY A 203 -4.77 -13.58 -7.81
N ARG A 204 -5.02 -12.29 -7.66
CA ARG A 204 -6.09 -11.64 -8.38
C ARG A 204 -5.79 -11.61 -9.89
N LEU A 205 -4.57 -11.23 -10.25
CA LEU A 205 -4.17 -11.16 -11.65
C LEU A 205 -4.17 -12.55 -12.31
N GLN A 206 -3.61 -13.54 -11.62
CA GLN A 206 -3.59 -14.88 -12.15
C GLN A 206 -5.00 -15.45 -12.41
N ASN A 207 -5.87 -15.35 -11.42
CA ASN A 207 -7.24 -15.87 -11.55
C ASN A 207 -7.99 -15.21 -12.69
N ASP A 208 -7.79 -13.91 -12.86
CA ASP A 208 -8.45 -13.14 -13.91
C ASP A 208 -7.94 -13.45 -15.32
N LEU A 209 -6.63 -13.53 -15.47
CA LEU A 209 -6.05 -13.82 -16.76
C LEU A 209 -6.55 -15.18 -17.22
N HIS A 210 -6.48 -16.17 -16.34
CA HIS A 210 -6.95 -17.51 -16.68
C HIS A 210 -8.47 -17.59 -16.85
N ASP A 222 -16.75 -8.95 -11.75
CA ASP A 222 -15.66 -7.99 -11.94
C ASP A 222 -14.42 -8.76 -12.40
N ASN A 223 -13.85 -8.36 -13.52
CA ASN A 223 -12.67 -9.02 -14.08
C ASN A 223 -11.74 -8.03 -14.79
N ALA A 224 -10.43 -8.09 -14.51
CA ALA A 224 -9.47 -7.17 -15.11
C ALA A 224 -9.52 -7.11 -16.62
N VAL A 225 -9.35 -8.25 -17.28
CA VAL A 225 -9.40 -8.28 -18.74
C VAL A 225 -10.65 -7.57 -19.24
N ILE A 226 -11.81 -8.12 -18.91
CA ILE A 226 -13.09 -7.56 -19.33
C ILE A 226 -13.20 -6.06 -19.05
N LEU A 227 -12.63 -5.61 -17.92
CA LEU A 227 -12.67 -4.21 -17.53
C LEU A 227 -11.83 -3.32 -18.45
N LEU A 228 -10.56 -3.67 -18.60
CA LEU A 228 -9.65 -2.91 -19.43
C LEU A 228 -10.09 -2.92 -20.90
N LEU A 229 -10.38 -4.11 -21.44
CA LEU A 229 -10.82 -4.23 -22.84
C LEU A 229 -11.99 -3.33 -23.22
N GLN A 230 -13.03 -3.24 -22.39
CA GLN A 230 -14.19 -2.41 -22.73
C GLN A 230 -14.09 -0.96 -22.30
N ARG A 231 -12.91 -0.55 -21.83
CA ARG A 231 -12.67 0.81 -21.37
C ARG A 231 -11.62 1.44 -22.29
N TYR A 232 -10.62 0.64 -22.64
CA TYR A 232 -9.57 1.09 -23.54
C TYR A 232 -9.46 -0.08 -24.51
N PRO A 233 -10.46 -0.21 -25.42
CA PRO A 233 -10.58 -1.25 -26.45
C PRO A 233 -9.42 -1.43 -27.42
N ALA A 234 -8.59 -0.42 -27.58
CA ALA A 234 -7.46 -0.50 -28.48
C ALA A 234 -6.19 -0.93 -27.74
N MET A 235 -6.28 -0.98 -26.41
CA MET A 235 -5.14 -1.37 -25.59
C MET A 235 -4.96 -2.88 -25.53
N PRO A 236 -3.73 -3.37 -25.65
CA PRO A 236 -3.53 -4.82 -25.57
C PRO A 236 -3.56 -5.19 -24.10
N VAL A 237 -4.76 -5.17 -23.52
CA VAL A 237 -4.92 -5.45 -22.09
C VAL A 237 -4.28 -6.73 -21.56
N VAL A 238 -4.36 -7.82 -22.31
CA VAL A 238 -3.76 -9.07 -21.87
C VAL A 238 -2.23 -9.02 -21.82
N GLU A 239 -1.64 -8.18 -22.67
CA GLU A 239 -0.20 -8.05 -22.68
C GLU A 239 0.17 -7.30 -21.40
N PHE A 240 -0.53 -6.20 -21.18
CA PHE A 240 -0.36 -5.34 -20.01
C PHE A 240 -0.42 -6.16 -18.73
N LEU A 241 -1.57 -6.78 -18.50
CA LEU A 241 -1.79 -7.59 -17.29
C LEU A 241 -0.69 -8.61 -17.04
N ASN A 242 -0.26 -9.33 -18.07
CA ASN A 242 0.81 -10.31 -17.89
C ASN A 242 2.08 -9.60 -17.45
N ASP A 243 2.30 -8.39 -17.96
CA ASP A 243 3.48 -7.63 -17.58
C ASP A 243 3.36 -7.27 -16.11
N GLU A 244 2.18 -6.80 -15.74
CA GLU A 244 1.89 -6.42 -14.37
C GLU A 244 2.17 -7.56 -13.40
N LEU A 245 1.63 -8.73 -13.73
CA LEU A 245 1.81 -9.93 -12.90
C LEU A 245 3.29 -10.27 -12.74
N ALA A 246 4.07 -10.14 -13.80
CA ALA A 246 5.49 -10.43 -13.69
C ALA A 246 6.08 -9.33 -12.85
N GLY A 247 5.51 -8.14 -12.97
CA GLY A 247 5.97 -7.02 -12.18
C GLY A 247 5.81 -7.30 -10.68
N HIS A 248 4.60 -7.68 -10.27
CA HIS A 248 4.34 -7.95 -8.85
C HIS A 248 5.19 -9.11 -8.35
N THR A 249 5.39 -10.10 -9.21
CA THR A 249 6.18 -11.28 -8.87
C THR A 249 7.64 -10.90 -8.58
N ARG A 250 8.19 -9.98 -9.37
CA ARG A 250 9.56 -9.56 -9.13
C ARG A 250 9.61 -8.84 -7.80
N MET A 251 8.66 -7.94 -7.56
CA MET A 251 8.66 -7.22 -6.29
C MET A 251 8.54 -8.17 -5.11
N LEU A 252 7.69 -9.18 -5.24
CA LEU A 252 7.51 -10.16 -4.18
C LEU A 252 8.79 -10.89 -3.83
N HIS A 253 9.45 -11.44 -4.84
CA HIS A 253 10.71 -12.14 -4.60
C HIS A 253 11.68 -11.23 -3.85
N ARG A 254 11.79 -9.99 -4.32
CA ARG A 254 12.65 -9.00 -3.71
C ARG A 254 12.48 -8.93 -2.20
N VAL A 255 11.28 -8.60 -1.76
CA VAL A 255 10.97 -8.47 -0.34
C VAL A 255 11.18 -9.75 0.45
N MET A 256 10.70 -10.86 -0.08
CA MET A 256 10.86 -12.14 0.59
C MET A 256 12.35 -12.41 0.81
N ALA A 257 13.17 -12.03 -0.17
CA ALA A 257 14.59 -12.26 -0.06
C ALA A 257 15.21 -11.36 1.02
N GLU A 258 14.95 -10.06 0.91
CA GLU A 258 15.48 -9.08 1.85
C GLU A 258 15.16 -9.41 3.29
N GLU A 259 13.87 -9.53 3.60
CA GLU A 259 13.47 -9.90 4.96
C GLU A 259 13.16 -11.37 4.95
N ARG A 260 13.71 -12.10 5.89
CA ARG A 260 13.47 -13.52 5.98
C ARG A 260 12.48 -13.74 7.10
N PHE A 261 11.24 -13.98 6.71
CA PHE A 261 10.17 -14.19 7.66
C PHE A 261 10.27 -15.56 8.32
N PRO A 262 9.91 -15.65 9.58
CA PRO A 262 10.01 -16.94 10.26
C PRO A 262 9.12 -18.01 9.62
N ALA A 263 9.50 -19.26 9.88
CA ALA A 263 8.79 -20.42 9.36
C ALA A 263 7.37 -20.31 9.90
N PRO A 264 6.36 -20.74 9.13
CA PRO A 264 6.29 -21.33 7.80
C PRO A 264 5.92 -20.31 6.76
N TRP A 265 6.08 -19.02 7.06
CA TRP A 265 5.66 -17.97 6.13
C TRP A 265 6.28 -18.00 4.74
N GLY A 266 7.57 -18.30 4.66
CA GLY A 266 8.20 -18.37 3.35
C GLY A 266 7.55 -19.43 2.50
N PRO A 267 7.54 -20.69 2.95
CA PRO A 267 6.93 -21.80 2.20
C PRO A 267 5.45 -21.49 1.87
N LEU A 268 4.75 -20.89 2.83
CA LEU A 268 3.36 -20.54 2.67
C LEU A 268 3.12 -19.51 1.57
N ILE A 269 3.88 -18.43 1.58
CA ILE A 269 3.71 -17.41 0.55
C ILE A 269 4.08 -18.01 -0.79
N GLU A 270 5.12 -18.83 -0.80
CA GLU A 270 5.59 -19.48 -2.02
C GLU A 270 4.48 -20.34 -2.61
N ALA A 271 3.89 -21.18 -1.76
CA ALA A 271 2.80 -22.07 -2.18
C ALA A 271 1.64 -21.32 -2.84
N MET A 272 1.29 -20.16 -2.31
CA MET A 272 0.20 -19.36 -2.86
C MET A 272 0.54 -18.74 -4.20
N ALA A 273 1.78 -18.30 -4.38
CA ALA A 273 2.18 -17.70 -5.64
C ALA A 273 2.04 -18.75 -6.73
N ALA A 274 2.28 -20.00 -6.36
CA ALA A 274 2.20 -21.11 -7.29
C ALA A 274 0.82 -21.75 -7.46
N ILE A 275 -0.02 -21.68 -6.44
CA ILE A 275 -1.33 -22.33 -6.56
C ILE A 275 -2.17 -21.87 -7.71
N ARG A 276 -2.81 -22.84 -8.35
CA ARG A 276 -3.67 -22.56 -9.48
C ARG A 276 -5.13 -22.83 -9.15
N VAL A 277 -5.94 -21.82 -9.43
CA VAL A 277 -7.38 -21.90 -9.20
C VAL A 277 -7.90 -23.17 -9.87
N GLN A 278 -7.07 -23.75 -10.73
CA GLN A 278 -7.42 -24.95 -11.45
C GLN A 278 -7.17 -26.21 -10.63
N TYR A 279 -6.40 -26.07 -9.55
CA TYR A 279 -6.08 -27.21 -8.68
C TYR A 279 -7.19 -27.57 -7.71
N TYR A 280 -8.19 -26.70 -7.61
CA TYR A 280 -9.31 -26.93 -6.72
C TYR A 280 -10.64 -26.51 -7.37
N ARG A 281 -10.62 -25.35 -8.01
CA ARG A 281 -11.83 -24.85 -8.67
C ARG A 281 -12.05 -25.74 -9.89
N GLN B 3 7.29 36.82 5.02
CA GLN B 3 7.06 37.40 3.67
C GLN B 3 7.89 36.63 2.66
N THR B 4 7.29 36.39 1.51
CA THR B 4 7.92 35.63 0.45
C THR B 4 9.39 35.90 0.15
N GLU B 5 9.72 37.09 -0.36
CA GLU B 5 11.10 37.32 -0.75
C GLU B 5 12.14 37.19 0.35
N ARG B 6 11.75 37.31 1.59
CA ARG B 6 12.74 37.16 2.64
C ARG B 6 13.07 35.67 2.75
N ALA B 7 12.06 34.83 2.58
CA ALA B 7 12.21 33.38 2.66
C ALA B 7 12.99 32.88 1.46
N VAL B 8 12.59 33.31 0.27
CA VAL B 8 13.29 32.88 -0.92
C VAL B 8 14.76 33.19 -0.82
N GLN B 9 15.09 34.38 -0.31
CA GLN B 9 16.48 34.75 -0.22
C GLN B 9 17.21 33.99 0.87
N GLN B 10 16.52 33.58 1.92
CA GLN B 10 17.24 32.83 2.93
C GLN B 10 17.51 31.42 2.38
N VAL B 11 16.56 30.90 1.59
CA VAL B 11 16.72 29.57 0.98
C VAL B 11 17.85 29.65 -0.03
N LEU B 12 17.83 30.73 -0.80
CA LEU B 12 18.83 30.96 -1.82
C LEU B 12 20.23 31.06 -1.24
N GLU B 13 20.37 31.82 -0.16
CA GLU B 13 21.63 32.01 0.53
C GLU B 13 22.22 30.69 1.01
N TRP B 14 21.37 29.81 1.53
CA TRP B 14 21.82 28.50 1.98
C TRP B 14 22.24 27.70 0.73
N GLY B 15 21.39 27.74 -0.29
CA GLY B 15 21.70 27.05 -1.54
C GLY B 15 23.05 27.37 -2.18
N ARG B 16 23.69 28.49 -1.83
CA ARG B 16 24.99 28.81 -2.40
C ARG B 16 26.04 27.87 -1.83
N SER B 17 25.68 27.15 -0.78
CA SER B 17 26.62 26.20 -0.22
C SER B 17 26.33 24.82 -0.79
N LEU B 18 25.65 24.77 -1.94
CA LEU B 18 25.30 23.53 -2.64
C LEU B 18 25.63 23.61 -4.14
N THR B 19 26.65 22.89 -4.59
CA THR B 19 27.01 22.90 -6.02
C THR B 19 25.86 22.41 -6.88
N GLY B 20 25.52 23.21 -7.90
CA GLY B 20 24.43 22.87 -8.79
C GLY B 20 23.09 23.47 -8.41
N PHE B 21 23.03 24.10 -7.24
CA PHE B 21 21.78 24.68 -6.80
C PHE B 21 21.41 25.76 -7.81
N ALA B 22 20.12 25.88 -8.09
CA ALA B 22 19.66 26.87 -9.05
C ALA B 22 18.64 27.75 -8.38
N ASP B 23 18.52 29.00 -8.85
CA ASP B 23 17.56 29.92 -8.28
C ASP B 23 16.19 29.29 -8.24
N GLU B 24 15.84 28.55 -9.28
CA GLU B 24 14.51 27.94 -9.33
C GLU B 24 14.25 26.93 -8.21
N HIS B 25 15.28 26.26 -7.75
CA HIS B 25 15.12 25.29 -6.66
C HIS B 25 14.56 26.02 -5.46
N ALA B 26 15.10 27.20 -5.16
CA ALA B 26 14.61 28.00 -4.03
C ALA B 26 13.22 28.56 -4.32
N VAL B 27 12.97 29.00 -5.54
CA VAL B 27 11.66 29.55 -5.89
C VAL B 27 10.56 28.51 -5.90
N GLU B 28 10.77 27.36 -6.52
CA GLU B 28 9.77 26.27 -6.53
C GLU B 28 9.45 25.83 -5.08
N ALA B 29 10.49 25.76 -4.24
CA ALA B 29 10.37 25.36 -2.84
C ALA B 29 9.50 26.30 -2.02
N VAL B 30 9.79 27.59 -2.08
CA VAL B 30 8.99 28.56 -1.34
C VAL B 30 7.56 28.64 -1.89
N ARG B 31 7.41 28.53 -3.20
CA ARG B 31 6.08 28.57 -3.81
C ARG B 31 5.22 27.38 -3.35
N GLY B 32 5.80 26.17 -3.38
CA GLY B 32 5.06 25.01 -2.96
C GLY B 32 4.88 25.00 -1.45
N GLY B 33 5.96 25.29 -0.73
CA GLY B 33 5.89 25.33 0.73
C GLY B 33 4.86 26.32 1.29
N GLN B 34 4.80 27.52 0.72
CA GLN B 34 3.83 28.55 1.15
C GLN B 34 2.43 28.05 0.93
N TYR B 35 2.21 27.38 -0.20
CA TYR B 35 0.91 26.83 -0.53
C TYR B 35 0.46 25.88 0.55
N ILE B 36 1.35 25.00 0.98
CA ILE B 36 1.04 24.04 2.01
C ILE B 36 0.82 24.66 3.38
N LEU B 37 1.73 25.55 3.78
CA LEU B 37 1.63 26.18 5.09
C LEU B 37 0.42 27.09 5.31
N GLN B 38 -0.03 27.78 4.28
CA GLN B 38 -1.19 28.64 4.46
C GLN B 38 -2.47 27.82 4.43
N ARG B 39 -2.49 26.75 3.66
CA ARG B 39 -3.67 25.90 3.61
C ARG B 39 -3.90 25.27 5.00
N ILE B 40 -2.83 24.85 5.66
CA ILE B 40 -2.96 24.21 6.96
C ILE B 40 -2.85 25.14 8.16
N HIS B 41 -2.64 26.43 7.90
CA HIS B 41 -2.52 27.42 8.97
C HIS B 41 -3.56 27.32 10.10
N PRO B 42 -4.85 27.48 9.77
CA PRO B 42 -5.89 27.40 10.81
C PRO B 42 -5.93 26.10 11.58
N SER B 43 -5.57 25.01 10.91
CA SER B 43 -5.56 23.72 11.55
C SER B 43 -4.29 23.60 12.40
N LEU B 44 -3.28 24.39 12.05
CA LEU B 44 -2.00 24.39 12.73
C LEU B 44 -2.00 25.25 14.00
N ARG B 45 -2.92 26.20 14.08
CA ARG B 45 -3.02 27.08 15.25
C ARG B 45 -3.55 26.33 16.47
N GLY B 46 -4.42 25.37 16.23
CA GLY B 46 -4.99 24.59 17.31
C GLY B 46 -4.03 23.67 18.02
N THR B 47 -3.06 23.12 17.30
CA THR B 47 -2.07 22.23 17.89
C THR B 47 -0.95 23.10 18.39
N SER B 48 -1.03 24.39 18.06
CA SER B 48 -0.02 25.37 18.44
C SER B 48 0.15 25.63 19.93
N ALA B 49 -0.92 25.55 20.70
CA ALA B 49 -0.80 25.78 22.14
C ALA B 49 -0.10 24.58 22.74
N ARG B 50 -0.57 23.41 22.33
CA ARG B 50 -0.04 22.13 22.79
C ARG B 50 1.45 21.98 22.52
N THR B 51 1.86 22.32 21.30
CA THR B 51 3.27 22.17 20.90
C THR B 51 4.18 23.34 21.19
N GLY B 52 3.65 24.55 21.18
CA GLY B 52 4.49 25.70 21.40
C GLY B 52 5.16 26.02 20.08
N ARG B 53 4.87 25.24 19.06
CA ARG B 53 5.44 25.47 17.74
C ARG B 53 4.57 26.46 17.01
N ASP B 54 5.05 27.69 16.90
CA ASP B 54 4.27 28.71 16.23
C ASP B 54 4.33 28.64 14.71
N PRO B 55 3.14 28.58 14.09
CA PRO B 55 2.94 28.50 12.64
C PRO B 55 3.79 29.47 11.86
N GLN B 56 3.98 30.67 12.39
CA GLN B 56 4.79 31.62 11.66
C GLN B 56 6.21 31.74 12.18
N ASP B 57 6.70 30.71 12.88
CA ASP B 57 8.07 30.75 13.36
C ASP B 57 8.94 30.82 12.12
N GLU B 58 9.62 31.94 11.94
CA GLU B 58 10.45 32.14 10.76
C GLU B 58 11.46 31.01 10.60
N THR B 59 12.11 30.66 11.70
CA THR B 59 13.13 29.63 11.73
C THR B 59 12.61 28.27 11.29
N LEU B 60 11.34 28.00 11.55
CA LEU B 60 10.75 26.73 11.17
C LEU B 60 10.30 26.74 9.71
N ILE B 61 9.85 27.90 9.23
CA ILE B 61 9.38 28.02 7.86
C ILE B 61 10.51 27.88 6.89
N VAL B 62 11.57 28.66 7.12
CA VAL B 62 12.73 28.65 6.26
C VAL B 62 13.39 27.27 6.25
N THR B 63 13.37 26.60 7.40
CA THR B 63 13.94 25.25 7.45
C THR B 63 13.11 24.31 6.57
N PHE B 64 11.80 24.38 6.70
CA PHE B 64 10.93 23.55 5.88
C PHE B 64 11.12 23.82 4.38
N TYR B 65 11.30 25.09 4.03
CA TYR B 65 11.49 25.43 2.63
C TYR B 65 12.84 24.90 2.13
N ARG B 66 13.87 24.99 2.97
CA ARG B 66 15.18 24.49 2.58
C ARG B 66 15.13 22.98 2.26
N GLU B 67 14.40 22.20 3.06
CA GLU B 67 14.28 20.77 2.82
C GLU B 67 13.63 20.60 1.47
N LEU B 68 12.56 21.35 1.22
CA LEU B 68 11.88 21.30 -0.07
C LEU B 68 12.87 21.60 -1.19
N ALA B 69 13.68 22.64 -1.02
CA ALA B 69 14.63 23.01 -2.07
C ALA B 69 15.64 21.88 -2.24
N LEU B 70 15.99 21.27 -1.11
CA LEU B 70 16.95 20.17 -1.13
C LEU B 70 16.43 19.08 -2.03
N LEU B 71 15.16 18.73 -1.86
CA LEU B 71 14.56 17.67 -2.69
C LEU B 71 14.49 18.00 -4.20
N PHE B 72 14.09 19.23 -4.52
CA PHE B 72 14.00 19.65 -5.92
C PHE B 72 15.40 19.56 -6.51
N TRP B 73 16.39 20.11 -5.80
CA TRP B 73 17.79 20.10 -6.24
C TRP B 73 18.28 18.67 -6.52
N LEU B 74 18.14 17.79 -5.52
CA LEU B 74 18.56 16.40 -5.68
C LEU B 74 17.92 15.78 -6.91
N ASP B 75 16.65 16.09 -7.12
CA ASP B 75 15.91 15.57 -8.28
C ASP B 75 16.60 16.01 -9.55
N ASP B 76 16.91 17.30 -9.67
CA ASP B 76 17.60 17.79 -10.86
C ASP B 76 18.97 17.18 -10.95
N CYS B 77 19.68 17.14 -9.84
CA CYS B 77 21.02 16.59 -9.86
C CYS B 77 21.01 15.21 -10.49
N ASN B 78 19.99 14.44 -10.11
CA ASN B 78 19.83 13.09 -10.58
C ASN B 78 19.41 13.07 -12.06
N ASP B 79 18.42 13.89 -12.42
CA ASP B 79 17.88 13.95 -13.79
C ASP B 79 18.63 14.78 -14.80
N LEU B 80 19.33 15.81 -14.35
CA LEU B 80 20.04 16.68 -15.28
C LEU B 80 21.56 16.60 -15.22
N GLY B 81 22.09 15.75 -14.36
CA GLY B 81 23.54 15.66 -14.26
C GLY B 81 24.17 16.94 -13.77
N LEU B 82 23.44 17.72 -12.97
CA LEU B 82 24.00 18.97 -12.46
C LEU B 82 25.34 18.74 -11.74
N ILE B 83 25.48 17.62 -11.03
CA ILE B 83 26.76 17.33 -10.37
C ILE B 83 27.21 15.95 -10.82
N SER B 84 28.45 15.57 -10.53
CA SER B 84 28.92 14.27 -10.98
C SER B 84 28.33 13.13 -10.16
N PRO B 85 28.43 11.89 -10.65
CA PRO B 85 27.88 10.75 -9.91
C PRO B 85 28.62 10.51 -8.59
N GLU B 86 29.90 10.88 -8.54
CA GLU B 86 30.69 10.73 -7.31
C GLU B 86 30.20 11.76 -6.28
N GLN B 87 29.94 12.96 -6.76
CA GLN B 87 29.47 14.02 -5.91
C GLN B 87 28.05 13.69 -5.42
N LEU B 88 27.21 13.13 -6.29
CA LEU B 88 25.85 12.80 -5.91
C LEU B 88 25.88 11.72 -4.84
N ALA B 89 26.76 10.74 -4.97
CA ALA B 89 26.91 9.67 -3.99
C ALA B 89 27.38 10.21 -2.62
N ALA B 90 28.36 11.09 -2.61
CA ALA B 90 28.86 11.66 -1.37
C ALA B 90 27.77 12.51 -0.74
N VAL B 91 27.03 13.25 -1.58
CA VAL B 91 25.95 14.08 -1.06
C VAL B 91 24.84 13.23 -0.45
N GLU B 92 24.33 12.25 -1.19
CA GLU B 92 23.28 11.41 -0.68
C GLU B 92 23.73 10.65 0.58
N GLN B 93 24.99 10.25 0.60
CA GLN B 93 25.49 9.51 1.75
C GLN B 93 25.44 10.39 2.98
N ALA B 94 25.84 11.64 2.83
CA ALA B 94 25.85 12.62 3.92
C ALA B 94 24.45 12.95 4.42
N LEU B 95 23.54 13.25 3.49
CA LEU B 95 22.17 13.58 3.84
C LEU B 95 21.43 12.40 4.46
N GLY B 96 21.82 11.20 4.07
CA GLY B 96 21.17 10.01 4.61
C GLY B 96 21.59 9.66 6.03
N GLN B 97 22.69 10.22 6.50
CA GLN B 97 23.15 9.96 7.86
C GLN B 97 23.18 11.25 8.65
N GLY B 98 22.89 12.37 8.01
CA GLY B 98 22.91 13.62 8.72
C GLY B 98 24.30 14.10 9.09
N VAL B 99 25.31 13.83 8.26
CA VAL B 99 26.69 14.26 8.55
C VAL B 99 27.17 15.19 7.43
N PRO B 100 28.26 15.94 7.67
CA PRO B 100 28.71 16.81 6.58
C PRO B 100 29.12 16.00 5.37
N CYS B 101 29.04 16.62 4.19
CA CYS B 101 29.44 15.95 2.97
C CYS B 101 30.97 15.86 3.03
N ALA B 102 31.53 14.78 2.48
CA ALA B 102 33.00 14.59 2.51
C ALA B 102 33.73 15.33 1.41
N LEU B 103 32.99 15.64 0.34
CA LEU B 103 33.52 16.40 -0.81
C LEU B 103 33.21 17.86 -0.63
N PRO B 104 34.12 18.73 -1.07
CA PRO B 104 33.90 20.17 -0.94
C PRO B 104 32.74 20.66 -1.82
N GLY B 105 32.20 21.82 -1.49
CA GLY B 105 31.12 22.42 -2.26
C GLY B 105 29.71 22.07 -1.83
N PHE B 106 29.55 21.33 -0.73
CA PHE B 106 28.22 20.93 -0.33
C PHE B 106 28.00 21.16 1.15
N GLU B 107 28.55 22.27 1.66
CA GLU B 107 28.42 22.56 3.09
C GLU B 107 26.95 22.68 3.51
N GLY B 108 26.09 23.04 2.57
CA GLY B 108 24.66 23.12 2.87
C GLY B 108 24.06 21.84 3.47
N CYS B 109 24.62 20.66 3.17
CA CYS B 109 24.06 19.43 3.73
C CYS B 109 24.21 19.39 5.26
N ALA B 110 25.41 19.72 5.73
CA ALA B 110 25.71 19.75 7.16
C ALA B 110 24.85 20.78 7.88
N VAL B 111 24.73 21.94 7.27
CA VAL B 111 23.96 23.03 7.86
C VAL B 111 22.49 22.68 8.02
N LEU B 112 21.90 22.15 6.97
CA LEU B 112 20.48 21.81 7.03
C LEU B 112 20.21 20.64 8.00
N ARG B 113 20.97 19.56 7.92
CA ARG B 113 20.69 18.42 8.81
C ARG B 113 20.93 18.84 10.27
N ALA B 114 21.98 19.62 10.52
CA ALA B 114 22.22 20.08 11.87
C ALA B 114 21.01 20.84 12.36
N SER B 115 20.48 21.77 11.55
CA SER B 115 19.29 22.55 11.92
C SER B 115 18.10 21.64 12.22
N LEU B 116 17.87 20.68 11.34
CA LEU B 116 16.74 19.78 11.51
C LEU B 116 16.85 18.97 12.82
N ALA B 117 18.06 18.58 13.16
CA ALA B 117 18.31 17.83 14.39
C ALA B 117 17.90 18.70 15.58
N THR B 118 18.44 19.92 15.59
CA THR B 118 18.17 20.88 16.67
C THR B 118 16.69 21.24 16.86
N LEU B 119 15.98 21.47 15.77
CA LEU B 119 14.58 21.86 15.83
C LEU B 119 13.57 20.72 15.97
N ALA B 120 14.02 19.48 15.79
CA ALA B 120 13.14 18.33 15.90
C ALA B 120 12.32 18.32 17.18
N TYR B 121 11.01 18.36 17.06
CA TYR B 121 10.13 18.33 18.22
C TYR B 121 10.26 16.94 18.86
N ASP B 122 10.00 15.92 18.07
CA ASP B 122 10.13 14.53 18.48
C ASP B 122 11.30 14.00 17.64
N ARG B 123 12.47 13.83 18.27
CA ARG B 123 13.62 13.39 17.51
C ARG B 123 13.38 12.15 16.69
N ARG B 124 12.34 11.38 16.98
CA ARG B 124 12.10 10.20 16.16
C ARG B 124 11.79 10.64 14.71
N ASP B 125 11.28 11.86 14.57
CA ASP B 125 10.99 12.41 13.24
C ASP B 125 12.31 12.69 12.49
N TYR B 126 13.36 13.00 13.24
CA TYR B 126 14.60 13.29 12.59
C TYR B 126 15.21 12.05 12.00
N ALA B 127 15.20 10.92 12.73
CA ALA B 127 15.78 9.70 12.18
C ALA B 127 14.93 9.23 11.02
N GLN B 128 13.62 9.43 11.13
CA GLN B 128 12.69 9.04 10.06
C GLN B 128 12.99 9.86 8.79
N LEU B 129 13.24 11.15 8.97
CA LEU B 129 13.54 11.99 7.81
C LEU B 129 14.83 11.52 7.16
N LEU B 130 15.80 11.08 7.97
CA LEU B 130 17.06 10.56 7.40
C LEU B 130 16.71 9.29 6.61
N ASP B 131 15.84 8.46 7.19
CA ASP B 131 15.42 7.22 6.55
C ASP B 131 14.70 7.53 5.24
N ASP B 132 13.81 8.53 5.26
CA ASP B 132 13.07 8.93 4.07
C ASP B 132 14.00 9.52 3.02
N THR B 133 15.08 10.15 3.49
CA THR B 133 16.04 10.73 2.58
C THR B 133 16.78 9.65 1.81
N ARG B 134 17.19 8.60 2.49
CA ARG B 134 17.89 7.49 1.85
C ARG B 134 16.96 6.78 0.88
N CYS B 135 15.70 6.66 1.25
CA CYS B 135 14.72 6.00 0.41
C CYS B 135 14.49 6.81 -0.87
N TYR B 136 14.41 8.12 -0.70
CA TYR B 136 14.21 9.04 -1.82
C TYR B 136 15.37 8.91 -2.79
N SER B 137 16.58 8.99 -2.28
CA SER B 137 17.79 8.91 -3.09
C SER B 137 17.80 7.65 -3.94
N ALA B 138 17.57 6.51 -3.29
CA ALA B 138 17.53 5.22 -3.97
C ALA B 138 16.45 5.20 -5.06
N ALA B 139 15.27 5.74 -4.75
CA ALA B 139 14.17 5.79 -5.71
C ALA B 139 14.57 6.66 -6.92
N LEU B 140 15.29 7.75 -6.68
CA LEU B 140 15.73 8.61 -7.78
C LEU B 140 16.72 7.82 -8.66
N ARG B 141 17.62 7.10 -8.00
CA ARG B 141 18.60 6.32 -8.72
C ARG B 141 17.88 5.33 -9.62
N ALA B 142 17.05 4.49 -9.01
CA ALA B 142 16.27 3.46 -9.71
C ALA B 142 15.50 3.96 -10.94
N GLY B 143 14.75 5.03 -10.79
CA GLY B 143 14.00 5.55 -11.92
C GLY B 143 14.92 5.95 -13.06
N HIS B 144 16.11 6.43 -12.71
CA HIS B 144 17.11 6.84 -13.69
C HIS B 144 17.67 5.62 -14.41
N ALA B 145 18.16 4.66 -13.64
CA ALA B 145 18.71 3.43 -14.20
C ALA B 145 17.68 2.68 -15.04
N GLN B 146 16.44 3.15 -15.04
CA GLN B 146 15.38 2.47 -15.78
C GLN B 146 15.25 2.78 -17.25
N ALA B 147 16.00 3.76 -17.72
CA ALA B 147 15.95 4.12 -19.13
C ALA B 147 17.39 4.06 -19.64
N VAL B 148 18.23 3.40 -18.86
CA VAL B 148 19.64 3.24 -19.18
C VAL B 148 20.14 1.94 -18.55
N GLU B 151 14.94 -5.17 -19.88
CA GLU B 151 13.97 -4.28 -20.49
C GLU B 151 13.41 -3.29 -19.48
N ARG B 152 12.18 -2.85 -19.73
CA ARG B 152 11.51 -1.86 -18.90
C ARG B 152 10.83 -2.38 -17.63
N TRP B 153 10.44 -1.42 -16.80
CA TRP B 153 9.73 -1.64 -15.54
C TRP B 153 8.29 -1.88 -15.93
N SER B 154 7.55 -2.51 -15.02
CA SER B 154 6.13 -2.72 -15.24
C SER B 154 5.48 -1.46 -14.67
N TYR B 155 4.24 -1.19 -15.03
CA TYR B 155 3.57 -0.01 -14.50
C TYR B 155 3.55 -0.07 -12.98
N ALA B 156 3.37 -1.28 -12.44
CA ALA B 156 3.33 -1.48 -11.00
C ALA B 156 4.67 -1.18 -10.30
N GLU B 157 5.77 -1.65 -10.88
CA GLU B 157 7.09 -1.37 -10.29
C GLU B 157 7.36 0.13 -10.40
N TYR B 158 6.98 0.70 -11.53
CA TYR B 158 7.17 2.13 -11.73
C TYR B 158 6.50 2.95 -10.64
N LEU B 159 5.22 2.67 -10.44
CA LEU B 159 4.41 3.36 -9.45
C LEU B 159 4.90 3.10 -8.03
N HIS B 160 5.41 1.88 -7.77
CA HIS B 160 5.93 1.59 -6.45
C HIS B 160 7.17 2.46 -6.17
N ASN B 161 8.03 2.62 -7.16
CA ASN B 161 9.21 3.45 -6.97
C ASN B 161 8.80 4.90 -6.97
N GLY B 162 7.87 5.23 -7.86
CA GLY B 162 7.37 6.59 -7.98
C GLY B 162 6.82 7.14 -6.67
N ILE B 163 6.21 6.27 -5.88
CA ILE B 163 5.67 6.69 -4.60
C ILE B 163 6.79 7.19 -3.68
N ASP B 164 7.98 6.63 -3.82
CA ASP B 164 9.11 7.06 -2.99
C ASP B 164 9.83 8.24 -3.61
N SER B 165 9.75 8.38 -4.92
CA SER B 165 10.47 9.46 -5.58
C SER B 165 9.71 10.76 -5.58
N ILE B 166 8.41 10.73 -5.30
CA ILE B 166 7.64 11.98 -5.27
C ILE B 166 7.89 12.72 -3.93
N ALA B 167 8.59 12.05 -3.03
CA ALA B 167 8.98 12.61 -1.75
C ALA B 167 7.92 13.22 -0.82
N TYR B 168 6.66 12.84 -0.99
CA TYR B 168 5.62 13.35 -0.13
C TYR B 168 5.84 12.84 1.29
N ALA B 169 6.43 11.66 1.41
CA ALA B 169 6.68 11.11 2.75
C ALA B 169 7.69 11.99 3.49
N ASN B 170 8.68 12.51 2.76
CA ASN B 170 9.68 13.40 3.32
C ASN B 170 9.03 14.72 3.74
N VAL B 171 8.15 15.24 2.90
CA VAL B 171 7.44 16.50 3.17
C VAL B 171 6.63 16.40 4.47
N PHE B 172 5.84 15.36 4.59
CA PHE B 172 5.05 15.18 5.79
C PHE B 172 5.94 15.04 7.03
N CYS B 173 6.96 14.21 6.93
CA CYS B 173 7.85 14.03 8.05
C CYS B 173 8.56 15.34 8.45
N CYS B 174 8.97 16.14 7.48
CA CYS B 174 9.63 17.39 7.85
C CYS B 174 8.60 18.30 8.57
N LEU B 175 7.34 18.24 8.14
CA LEU B 175 6.28 19.06 8.77
C LEU B 175 6.09 18.59 10.21
N SER B 176 5.97 17.28 10.41
CA SER B 176 5.82 16.73 11.75
C SER B 176 7.02 17.11 12.62
N LEU B 177 8.22 16.99 12.08
CA LEU B 177 9.44 17.33 12.81
C LEU B 177 9.45 18.78 13.32
N LEU B 178 9.10 19.73 12.45
CA LEU B 178 9.10 21.14 12.80
C LEU B 178 7.92 21.63 13.63
N TRP B 179 6.73 21.09 13.36
CA TRP B 179 5.55 21.52 14.11
C TRP B 179 4.96 20.49 15.09
N GLY B 180 5.75 19.47 15.45
CA GLY B 180 5.31 18.44 16.37
C GLY B 180 3.96 17.81 16.04
N LEU B 181 3.82 17.26 14.84
CA LEU B 181 2.56 16.68 14.43
C LEU B 181 2.43 15.19 14.76
N ASP B 182 3.38 14.69 15.54
CA ASP B 182 3.37 13.30 15.97
C ASP B 182 3.15 12.25 14.87
N MET B 183 3.83 12.41 13.74
CA MET B 183 3.70 11.45 12.66
C MET B 183 4.31 10.13 13.11
N ALA B 184 5.30 10.23 13.98
CA ALA B 184 6.01 9.06 14.48
C ALA B 184 5.09 8.01 15.09
N THR B 185 3.99 8.42 15.69
CA THR B 185 3.10 7.46 16.29
C THR B 185 1.91 7.19 15.38
N LEU B 186 1.64 8.17 14.52
CA LEU B 186 0.54 8.04 13.58
C LEU B 186 0.81 6.97 12.52
N ARG B 187 2.05 6.92 12.04
CA ARG B 187 2.39 5.96 10.99
C ARG B 187 2.28 4.51 11.43
N ALA B 188 2.25 4.27 12.73
CA ALA B 188 2.11 2.92 13.23
C ALA B 188 0.70 2.45 12.84
N ARG B 189 -0.14 3.41 12.45
CA ARG B 189 -1.53 3.17 12.02
C ARG B 189 -1.53 2.66 10.57
N PRO B 190 -2.13 1.49 10.31
CA PRO B 190 -2.16 0.99 8.94
C PRO B 190 -2.84 1.92 7.94
N ALA B 191 -3.97 2.50 8.33
CA ALA B 191 -4.72 3.40 7.45
C ALA B 191 -3.99 4.69 7.12
N PHE B 192 -3.14 5.17 8.03
CA PHE B 192 -2.38 6.39 7.77
C PHE B 192 -1.36 6.05 6.69
N ARG B 193 -0.73 4.89 6.84
CA ARG B 193 0.27 4.42 5.90
C ARG B 193 -0.32 4.25 4.51
N GLN B 194 -1.57 3.79 4.48
CA GLN B 194 -2.28 3.57 3.24
C GLN B 194 -2.61 4.87 2.51
N VAL B 195 -3.01 5.93 3.21
CA VAL B 195 -3.35 7.17 2.51
C VAL B 195 -2.08 7.89 2.05
N LEU B 196 -1.02 7.73 2.83
CA LEU B 196 0.26 8.31 2.50
C LEU B 196 0.67 7.73 1.16
N ARG B 197 0.41 6.43 0.98
CA ARG B 197 0.73 5.79 -0.29
C ARG B 197 -0.18 6.31 -1.39
N LEU B 198 -1.45 6.53 -1.08
CA LEU B 198 -2.39 7.05 -2.07
C LEU B 198 -2.05 8.48 -2.48
N ILE B 199 -1.82 9.34 -1.50
CA ILE B 199 -1.49 10.71 -1.81
C ILE B 199 -0.22 10.81 -2.65
N SER B 200 0.75 9.92 -2.41
CA SER B 200 2.00 9.95 -3.15
C SER B 200 1.77 9.54 -4.59
N ALA B 201 1.06 8.43 -4.76
CA ALA B 201 0.75 7.93 -6.09
C ALA B 201 0.01 9.01 -6.87
N ILE B 202 -0.84 9.76 -6.18
CA ILE B 202 -1.57 10.85 -6.82
C ILE B 202 -0.57 11.93 -7.28
N GLY B 203 0.44 12.17 -6.45
CA GLY B 203 1.46 13.15 -6.78
C GLY B 203 2.30 12.70 -7.94
N ARG B 204 2.82 11.47 -7.88
CA ARG B 204 3.63 10.95 -8.96
C ARG B 204 2.91 11.06 -10.31
N LEU B 205 1.66 10.62 -10.37
CA LEU B 205 0.90 10.67 -11.61
C LEU B 205 0.55 12.09 -12.08
N GLN B 206 0.11 12.96 -11.17
CA GLN B 206 -0.23 14.34 -11.54
C GLN B 206 0.97 14.98 -12.24
N ASN B 207 2.16 14.71 -11.69
CA ASN B 207 3.40 15.24 -12.22
C ASN B 207 3.75 14.67 -13.58
N ASP B 208 3.82 13.35 -13.68
CA ASP B 208 4.17 12.68 -14.92
C ASP B 208 3.27 13.10 -16.07
N LEU B 209 2.04 13.46 -15.74
CA LEU B 209 1.10 13.92 -16.75
C LEU B 209 1.49 15.35 -17.12
N HIS B 210 2.80 15.59 -17.14
CA HIS B 210 3.38 16.89 -17.48
C HIS B 210 4.79 16.74 -18.09
N ASN B 223 9.19 8.52 -16.62
CA ASN B 223 7.84 9.05 -16.75
C ASN B 223 6.87 7.92 -17.09
N ALA B 224 5.72 7.91 -16.44
CA ALA B 224 4.72 6.87 -16.67
C ALA B 224 4.12 6.91 -18.08
N VAL B 225 3.79 8.10 -18.56
CA VAL B 225 3.21 8.26 -19.88
C VAL B 225 4.12 7.71 -20.97
N ILE B 226 5.37 8.15 -20.98
CA ILE B 226 6.29 7.68 -21.99
C ILE B 226 6.54 6.19 -21.80
N LEU B 227 6.71 5.75 -20.56
CA LEU B 227 6.95 4.35 -20.26
C LEU B 227 5.89 3.49 -20.91
N LEU B 228 4.64 3.85 -20.69
CA LEU B 228 3.53 3.12 -21.25
C LEU B 228 3.48 3.23 -22.78
N LEU B 229 3.50 4.43 -23.31
CA LEU B 229 3.45 4.61 -24.77
C LEU B 229 4.49 3.80 -25.54
N GLN B 230 5.64 3.53 -24.92
CA GLN B 230 6.71 2.77 -25.57
C GLN B 230 6.39 1.27 -25.54
N ARG B 231 5.84 0.84 -24.42
CA ARG B 231 5.46 -0.56 -24.22
C ARG B 231 4.25 -0.93 -25.06
N TYR B 232 3.25 -0.07 -25.00
CA TYR B 232 2.00 -0.29 -25.69
C TYR B 232 1.64 0.90 -26.55
N PRO B 233 2.41 1.14 -27.63
CA PRO B 233 2.20 2.24 -28.57
C PRO B 233 0.76 2.45 -29.03
N ALA B 234 -0.05 1.40 -28.93
CA ALA B 234 -1.44 1.51 -29.36
C ALA B 234 -2.39 1.74 -28.18
N MET B 235 -1.83 1.85 -26.98
CA MET B 235 -2.65 2.04 -25.79
C MET B 235 -2.93 3.52 -25.51
N PRO B 236 -4.17 3.85 -25.13
CA PRO B 236 -4.50 5.25 -24.83
C PRO B 236 -3.96 5.60 -23.46
N VAL B 237 -2.63 5.60 -23.36
CA VAL B 237 -1.90 5.87 -22.13
C VAL B 237 -2.34 7.10 -21.34
N VAL B 238 -2.56 8.21 -22.03
CA VAL B 238 -2.98 9.42 -21.34
C VAL B 238 -4.35 9.27 -20.71
N GLU B 239 -5.31 8.72 -21.45
CA GLU B 239 -6.65 8.53 -20.90
C GLU B 239 -6.53 7.60 -19.69
N PHE B 240 -5.78 6.51 -19.88
CA PHE B 240 -5.56 5.53 -18.82
C PHE B 240 -4.99 6.20 -17.57
N LEU B 241 -3.80 6.78 -17.69
CA LEU B 241 -3.17 7.42 -16.55
C LEU B 241 -4.04 8.51 -15.92
N ASN B 242 -4.97 9.05 -16.70
CA ASN B 242 -5.86 10.08 -16.17
C ASN B 242 -6.96 9.40 -15.37
N ASP B 243 -7.36 8.21 -15.78
CA ASP B 243 -8.37 7.45 -15.06
C ASP B 243 -7.73 6.94 -13.77
N GLU B 244 -6.47 6.58 -13.85
CA GLU B 244 -5.76 6.11 -12.67
C GLU B 244 -5.70 7.24 -11.65
N LEU B 245 -5.51 8.47 -12.12
CA LEU B 245 -5.43 9.61 -11.21
C LEU B 245 -6.77 9.85 -10.56
N ALA B 246 -7.84 9.68 -11.33
CA ALA B 246 -9.18 9.84 -10.82
C ALA B 246 -9.44 8.72 -9.79
N GLY B 247 -9.08 7.49 -10.17
CA GLY B 247 -9.27 6.36 -9.28
C GLY B 247 -8.61 6.53 -7.93
N HIS B 248 -7.32 6.86 -7.92
CA HIS B 248 -6.60 7.03 -6.68
C HIS B 248 -7.21 8.14 -5.86
N THR B 249 -7.65 9.20 -6.52
CA THR B 249 -8.23 10.32 -5.82
C THR B 249 -9.52 9.89 -5.14
N ARG B 250 -10.23 8.94 -5.74
CA ARG B 250 -11.47 8.45 -5.19
C ARG B 250 -11.20 7.55 -4.01
N MET B 251 -10.19 6.69 -4.13
CA MET B 251 -9.86 5.80 -3.04
C MET B 251 -9.38 6.66 -1.88
N LEU B 252 -8.60 7.69 -2.22
CA LEU B 252 -8.10 8.58 -1.20
C LEU B 252 -9.26 9.22 -0.46
N HIS B 253 -10.33 9.54 -1.18
CA HIS B 253 -11.49 10.16 -0.56
C HIS B 253 -12.26 9.21 0.34
N ARG B 254 -12.52 8.00 -0.16
CA ARG B 254 -13.25 7.00 0.61
C ARG B 254 -12.59 6.85 1.97
N VAL B 255 -11.31 6.48 1.97
CA VAL B 255 -10.55 6.31 3.20
C VAL B 255 -10.58 7.53 4.11
N MET B 256 -10.49 8.72 3.52
CA MET B 256 -10.52 9.97 4.28
C MET B 256 -11.83 10.13 5.04
N ALA B 257 -12.92 9.61 4.47
CA ALA B 257 -14.23 9.69 5.09
C ALA B 257 -14.45 8.58 6.12
N GLU B 258 -13.70 7.48 6.02
CA GLU B 258 -13.85 6.39 6.96
C GLU B 258 -12.84 6.41 8.11
N GLU B 259 -11.84 7.27 8.02
CA GLU B 259 -10.84 7.38 9.08
C GLU B 259 -10.84 8.83 9.54
N ARG B 260 -10.46 9.06 10.79
CA ARG B 260 -10.40 10.42 11.32
C ARG B 260 -8.95 10.62 11.76
N PHE B 261 -8.30 11.65 11.26
CA PHE B 261 -6.92 11.89 11.64
C PHE B 261 -6.81 13.22 12.39
N PRO B 262 -6.03 13.25 13.48
CA PRO B 262 -5.87 14.47 14.26
C PRO B 262 -5.43 15.63 13.38
N ALA B 263 -5.78 16.85 13.76
CA ALA B 263 -5.36 17.98 12.97
C ALA B 263 -3.84 18.01 13.03
N PRO B 264 -3.19 18.56 11.99
CA PRO B 264 -3.75 19.14 10.77
C PRO B 264 -3.59 18.13 9.66
N TRP B 265 -3.52 16.86 10.02
CA TRP B 265 -3.31 15.82 9.05
C TRP B 265 -4.36 15.70 7.97
N GLY B 266 -5.63 15.87 8.34
CA GLY B 266 -6.69 15.81 7.36
C GLY B 266 -6.48 16.87 6.29
N PRO B 267 -6.39 18.14 6.69
CA PRO B 267 -6.18 19.25 5.76
C PRO B 267 -4.84 19.12 5.01
N LEU B 268 -3.76 18.83 5.74
CA LEU B 268 -2.45 18.65 5.11
C LEU B 268 -2.55 17.70 3.91
N ILE B 269 -3.07 16.49 4.14
CA ILE B 269 -3.23 15.49 3.09
C ILE B 269 -4.08 15.97 1.91
N GLU B 270 -5.19 16.63 2.18
CA GLU B 270 -6.05 17.10 1.10
C GLU B 270 -5.38 18.27 0.40
N ALA B 271 -4.55 18.99 1.14
CA ALA B 271 -3.82 20.14 0.59
C ALA B 271 -2.79 19.62 -0.42
N MET B 272 -2.21 18.46 -0.13
CA MET B 272 -1.22 17.86 -1.02
C MET B 272 -1.93 17.25 -2.21
N ALA B 273 -3.16 16.83 -2.01
CA ALA B 273 -3.93 16.22 -3.09
C ALA B 273 -4.32 17.22 -4.18
N ALA B 274 -4.58 18.45 -3.77
CA ALA B 274 -4.99 19.47 -4.73
C ALA B 274 -3.82 20.17 -5.37
N ILE B 275 -2.71 20.29 -4.66
CA ILE B 275 -1.56 20.96 -5.23
C ILE B 275 -1.16 20.27 -6.54
N ARG B 276 -1.29 21.01 -7.63
CA ARG B 276 -0.91 20.50 -8.94
C ARG B 276 0.49 21.04 -9.14
N VAL B 277 1.33 20.33 -9.90
CA VAL B 277 2.70 20.79 -10.11
C VAL B 277 2.73 22.12 -10.87
N GLN B 278 1.61 22.46 -11.51
CA GLN B 278 1.53 23.68 -12.27
C GLN B 278 1.81 24.84 -11.31
N TYR B 279 1.60 24.57 -10.03
CA TYR B 279 1.84 25.56 -8.98
C TYR B 279 3.30 25.55 -8.55
N TYR B 280 4.07 24.56 -9.01
CA TYR B 280 5.49 24.47 -8.63
C TYR B 280 6.48 23.99 -9.71
N ARG B 281 7.29 23.01 -9.33
CA ARG B 281 8.34 22.43 -10.19
C ARG B 281 8.32 22.82 -11.67
N THR B 282 7.76 21.98 -12.52
CA THR B 282 7.74 22.29 -13.95
C THR B 282 6.89 23.48 -14.38
N SER B 283 7.35 24.67 -14.00
CA SER B 283 6.71 25.94 -14.32
C SER B 283 7.80 26.98 -14.05
N THR B 284 8.64 26.63 -13.07
CA THR B 284 9.75 27.49 -12.64
C THR B 284 11.08 27.14 -13.31
N SER B 285 11.59 28.08 -14.11
CA SER B 285 12.87 27.93 -14.81
C SER B 285 13.36 29.32 -15.21
N ARG B 286 14.65 29.58 -15.03
CA ARG B 286 15.22 30.87 -15.36
C ARG B 286 14.93 31.30 -16.79
N TYR B 287 14.58 32.57 -16.97
CA TYR B 287 14.26 33.10 -18.29
C TYR B 287 15.46 33.32 -19.19
N ARG B 288 15.27 33.09 -20.49
CA ARG B 288 16.31 33.37 -21.47
C ARG B 288 15.64 33.82 -22.76
N SER B 289 16.31 34.73 -23.46
CA SER B 289 15.82 35.32 -24.70
C SER B 289 15.27 34.42 -25.83
N ASP B 290 15.98 33.35 -26.16
CA ASP B 290 15.54 32.45 -27.23
C ASP B 290 15.01 33.24 -28.41
CAY B29 C . -8.03 -20.66 -1.48
CAP B29 C . -7.33 -21.82 -1.07
CAI B29 C . -6.23 -22.28 -1.80
CAH B29 C . -5.82 -21.58 -2.96
CAO B29 C . -6.52 -20.42 -3.38
CAX B29 C . -7.62 -19.96 -2.64
OAT B29 C . -8.46 -18.89 -2.81
CBA B29 C . -9.38 -18.87 -1.81
CAZ B29 C . -9.10 -19.99 -0.97
CAQ B29 C . -9.89 -20.25 0.16
CAK B29 C . -10.94 -19.41 0.49
CAN B29 C . -11.24 -18.29 -0.32
CAW B29 C . -10.50 -18.02 -1.42
CAV B29 C . -11.59 -17.82 -2.39
CAR B29 C . -11.38 -16.95 -3.50
CAM B29 C . -12.88 -18.47 -2.28
CAJ B29 C . -13.89 -18.25 -3.22
CAL B29 C . -13.67 -17.39 -4.31
CAU B29 C . -12.43 -16.75 -4.44
CAS B29 C . -12.22 -15.83 -5.62
CBB B29 C . -11.87 -14.59 -6.30
PBC B29 C . -11.36 -15.00 -8.06
OAD B29 C . -12.29 -14.13 -9.05
OAE B29 C . -9.84 -14.50 -8.23
OAA B29 C . -11.46 -16.45 -8.35
PBD B29 C . -13.33 -13.42 -6.28
OAF B29 C . -14.59 -14.30 -6.77
OAG B29 C . -13.59 -13.00 -4.75
OAB B29 C . -13.14 -12.23 -7.14
OAC B29 C . -10.78 -13.96 -5.63
#